data_3W7M
#
_entry.id   3W7M
#
_cell.length_a   68.224
_cell.length_b   72.009
_cell.length_c   129.644
_cell.angle_alpha   90.000
_cell.angle_beta   90.000
_cell.angle_gamma   90.000
#
_symmetry.space_group_name_H-M   'P 21 21 21'
#
loop_
_entity.id
_entity.type
_entity.pdbx_description
1 polymer 'Dihydroorotate dehydrogenase (fumarate)'
2 non-polymer '5-{2-[6-(methoxycarbonyl)naphthalen-2-yl]ethyl}-2,6-dioxo-1,2,3,6-tetrahydropyrimidine-4-carboxylic acid'
3 non-polymer GLYCEROL
4 non-polymer 'FLAVIN MONONUCLEOTIDE'
5 non-polymer 'COBALT HEXAMMINE(III)'
6 water water
#
_entity_poly.entity_id   1
_entity_poly.type   'polypeptide(L)'
_entity_poly.pdbx_seq_one_letter_code
;MCLKLNLLDHVFANPFMNAAGVLCSTEEDLRCMTASSSGALVSKSCTSAPRDGNPEPRYMAFPLGSINSMGLPNLGFDFY
LKYASDLHDYSKKPLFLSISGLSVEENVAMVRRLAPVAQEKGVLLELNLSCPNVPGKPQVAYDFEAMRTYLQQVSLAYGL
PFGVKMPPYFDIAHFDTAAAVLNEFPLVKFVTCVNSVGNGLVIDAESESVVIKPKQGFGGLGGKYILPTALANVNAFYRR
CPDKLVFGCGGVYSGEDAFLHILAGASMVQVGTALQEEGPGIFTRLEDELLEIMARKGYRTLEEFRGRVKTIE
;
_entity_poly.pdbx_strand_id   A,B
#
# COMPACT_ATOMS: atom_id res chain seq x y z
N MET A 1 -17.12 32.02 -8.89
CA MET A 1 -16.71 30.60 -8.60
C MET A 1 -15.83 30.03 -9.72
N CYS A 2 -14.59 29.63 -9.39
CA CYS A 2 -13.65 29.16 -10.43
C CYS A 2 -12.55 28.22 -9.93
N LEU A 3 -12.01 27.42 -10.84
CA LEU A 3 -10.95 26.47 -10.51
C LEU A 3 -9.56 26.96 -10.86
N LYS A 4 -9.43 28.24 -11.11
CA LYS A 4 -8.20 28.83 -11.63
C LYS A 4 -7.13 28.76 -10.56
N LEU A 5 -5.90 28.59 -11.01
CA LEU A 5 -4.77 28.70 -10.14
C LEU A 5 -3.49 29.17 -10.84
N ASN A 6 -2.72 29.91 -10.06
CA ASN A 6 -1.47 30.50 -10.48
C ASN A 6 -0.42 29.89 -9.65
N LEU A 7 0.46 29.11 -10.25
CA LEU A 7 1.61 28.63 -9.51
C LEU A 7 2.81 28.36 -10.39
N LEU A 8 3.97 28.31 -9.77
CA LEU A 8 5.24 28.13 -10.45
C LEU A 8 5.34 29.06 -11.65
N ASP A 9 4.82 30.27 -11.50
CA ASP A 9 4.83 31.28 -12.57
C ASP A 9 4.04 30.88 -13.84
N HIS A 10 3.10 29.95 -13.69
CA HIS A 10 2.19 29.63 -14.79
C HIS A 10 0.76 29.79 -14.33
N VAL A 11 -0.11 29.98 -15.30
CA VAL A 11 -1.56 30.08 -15.11
C VAL A 11 -2.18 28.79 -15.61
N PHE A 12 -3.09 28.26 -14.80
CA PHE A 12 -3.81 27.00 -15.07
C PHE A 12 -5.32 27.18 -14.93
N ALA A 13 -6.06 26.72 -15.91
CA ALA A 13 -7.49 26.93 -15.93
C ALA A 13 -8.15 26.16 -14.79
N ASN A 14 -7.60 25.00 -14.48
CA ASN A 14 -8.13 24.09 -13.47
C ASN A 14 -6.97 23.25 -12.92
N PRO A 15 -7.14 22.55 -11.79
CA PRO A 15 -6.05 21.79 -11.18
C PRO A 15 -5.80 20.43 -11.82
N PHE A 16 -6.59 20.06 -12.83
CA PHE A 16 -6.56 18.71 -13.38
C PHE A 16 -5.60 18.50 -14.54
N MET A 17 -4.87 17.40 -14.41
CA MET A 17 -3.98 16.91 -15.43
C MET A 17 -3.91 15.40 -15.45
N ASN A 18 -3.27 14.88 -16.50
CA ASN A 18 -3.07 13.44 -16.65
C ASN A 18 -1.99 13.03 -15.69
N ALA A 19 -1.95 11.77 -15.31
CA ALA A 19 -0.81 11.26 -14.55
C ALA A 19 0.31 10.85 -15.54
N ALA A 20 1.58 11.04 -15.18
CA ALA A 20 2.63 10.60 -16.09
C ALA A 20 2.48 9.10 -16.48
N GLY A 21 2.64 8.85 -17.77
CA GLY A 21 2.48 7.57 -18.38
C GLY A 21 1.14 7.26 -18.96
N VAL A 22 0.13 8.01 -18.59
CA VAL A 22 -1.20 7.84 -19.11
C VAL A 22 -1.52 8.93 -20.13
N LEU A 23 -1.80 8.50 -21.34
CA LEU A 23 -2.18 9.34 -22.47
C LEU A 23 -1.18 10.41 -22.79
N CYS A 24 0.07 10.08 -22.65
CA CYS A 24 1.14 10.99 -22.94
C CYS A 24 2.35 10.46 -23.74
N SER A 25 2.26 9.27 -24.26
CA SER A 25 3.35 8.65 -24.99
C SER A 25 3.74 9.17 -26.37
N THR A 26 2.78 9.53 -27.19
CA THR A 26 3.00 9.85 -28.57
C THR A 26 2.54 11.24 -28.87
N GLU A 27 2.78 11.70 -30.06
CA GLU A 27 2.34 13.00 -30.46
C GLU A 27 0.83 13.07 -30.57
N GLU A 28 0.24 11.98 -31.02
CA GLU A 28 -1.20 11.81 -31.03
C GLU A 28 -1.76 11.98 -29.60
N ASP A 29 -1.23 11.23 -28.63
CA ASP A 29 -1.64 11.33 -27.24
C ASP A 29 -1.57 12.76 -26.67
N LEU A 30 -0.43 13.40 -26.92
CA LEU A 30 -0.14 14.72 -26.35
C LEU A 30 -1.04 15.80 -26.95
N ARG A 31 -1.23 15.76 -28.26
CA ARG A 31 -2.19 16.64 -28.92
C ARG A 31 -3.60 16.47 -28.33
N CYS A 32 -4.01 15.22 -28.11
CA CYS A 32 -5.30 14.89 -27.45
C CYS A 32 -5.42 15.48 -26.03
N MET A 33 -4.42 15.25 -25.17
CA MET A 33 -4.41 15.91 -23.87
C MET A 33 -4.50 17.45 -23.97
N THR A 34 -3.77 18.01 -24.92
CA THR A 34 -3.78 19.45 -25.15
C THR A 34 -5.13 19.94 -25.66
N ALA A 35 -5.78 19.17 -26.52
CA ALA A 35 -7.13 19.56 -26.97
C ALA A 35 -8.19 19.30 -25.89
N SER A 36 -7.87 18.54 -24.85
CA SER A 36 -8.79 18.31 -23.74
C SER A 36 -8.92 19.55 -22.90
N SER A 37 -9.82 19.50 -21.91
CA SER A 37 -9.99 20.64 -21.01
C SER A 37 -9.25 20.49 -19.66
N SER A 38 -8.27 19.58 -19.63
CA SER A 38 -7.30 19.51 -18.53
C SER A 38 -6.62 20.86 -18.33
N GLY A 39 -6.34 21.20 -17.06
CA GLY A 39 -5.54 22.38 -16.76
C GLY A 39 -4.10 22.35 -17.32
N ALA A 40 -3.55 21.17 -17.51
CA ALA A 40 -2.17 20.99 -17.98
C ALA A 40 -2.03 19.57 -18.52
N LEU A 41 -0.83 19.23 -18.95
CA LEU A 41 -0.46 17.87 -19.17
C LEU A 41 0.99 17.59 -18.83
N VAL A 42 1.27 16.32 -18.64
CA VAL A 42 2.59 15.81 -18.41
C VAL A 42 2.92 14.67 -19.39
N SER A 43 4.12 14.71 -19.95
CA SER A 43 4.59 13.77 -20.95
C SER A 43 5.07 12.44 -20.32
N LYS A 44 4.87 11.31 -20.99
CA LYS A 44 5.40 10.02 -20.52
C LYS A 44 6.84 10.14 -20.07
N SER A 45 7.20 9.38 -19.03
CA SER A 45 8.51 9.43 -18.43
C SER A 45 9.46 8.86 -19.42
N CYS A 46 10.48 9.62 -19.77
CA CYS A 46 11.40 9.19 -20.79
C CYS A 46 12.81 8.85 -20.31
N THR A 47 13.46 8.10 -21.21
CA THR A 47 14.85 7.72 -21.07
C THR A 47 15.52 8.35 -22.26
N SER A 48 16.83 8.35 -22.22
CA SER A 48 17.67 8.80 -23.32
C SER A 48 17.35 8.12 -24.65
N ALA A 49 17.35 6.79 -24.61
CA ALA A 49 17.11 5.99 -25.79
C ALA A 49 15.66 5.50 -25.73
N PRO A 50 14.98 5.48 -26.89
CA PRO A 50 13.65 4.92 -27.00
C PRO A 50 13.63 3.52 -26.43
N ARG A 51 12.47 3.14 -25.87
CA ARG A 51 12.29 1.82 -25.30
C ARG A 51 10.96 1.21 -25.74
N ASP A 52 11.01 -0.11 -25.97
CA ASP A 52 9.84 -0.96 -26.29
C ASP A 52 8.99 -1.25 -25.07
N GLY A 53 9.64 -1.33 -23.91
CA GLY A 53 9.00 -1.69 -22.67
C GLY A 53 8.90 -3.18 -22.54
N ASN A 54 8.24 -3.63 -21.48
CA ASN A 54 8.07 -5.04 -21.19
C ASN A 54 7.06 -5.67 -22.17
N PRO A 55 7.04 -6.99 -22.27
CA PRO A 55 6.09 -7.78 -23.05
C PRO A 55 4.64 -7.72 -22.62
N GLU A 56 3.75 -7.75 -23.57
CA GLU A 56 2.32 -7.78 -23.32
C GLU A 56 1.75 -9.14 -22.95
N PRO A 57 0.62 -9.27 -22.12
CA PRO A 57 0.07 -8.02 -21.58
C PRO A 57 0.78 -7.41 -20.39
N ARG A 58 0.70 -6.10 -20.30
CA ARG A 58 1.37 -5.36 -19.28
C ARG A 58 0.57 -4.34 -18.45
N TYR A 59 -0.64 -3.99 -18.88
CA TYR A 59 -1.57 -3.26 -18.05
C TYR A 59 -2.91 -3.95 -18.08
N MET A 60 -3.62 -3.92 -16.97
CA MET A 60 -4.98 -4.37 -16.83
C MET A 60 -5.76 -3.57 -15.77
N ALA A 61 -7.05 -3.41 -16.00
CA ALA A 61 -7.91 -2.57 -15.18
C ALA A 61 -9.15 -3.35 -14.76
N PHE A 62 -9.69 -2.99 -13.58
CA PHE A 62 -10.80 -3.71 -12.93
C PHE A 62 -11.67 -2.68 -12.21
N PRO A 63 -12.80 -3.09 -11.63
CA PRO A 63 -13.66 -2.05 -11.03
C PRO A 63 -12.95 -1.13 -10.04
N LEU A 64 -12.07 -1.70 -9.22
CA LEU A 64 -11.34 -0.95 -8.20
C LEU A 64 -9.95 -0.48 -8.57
N GLY A 65 -9.53 -0.69 -9.80
CA GLY A 65 -8.25 -0.12 -10.21
C GLY A 65 -7.44 -0.89 -11.23
N SER A 66 -6.13 -0.60 -11.25
CA SER A 66 -5.24 -1.17 -12.25
C SER A 66 -3.94 -1.76 -11.73
N ILE A 67 -3.33 -2.56 -12.58
CA ILE A 67 -2.01 -3.08 -12.38
C ILE A 67 -1.22 -2.91 -13.67
N ASN A 68 0.05 -2.55 -13.53
CA ASN A 68 0.93 -2.40 -14.66
C ASN A 68 2.38 -2.76 -14.41
N SER A 69 2.98 -3.39 -15.38
CA SER A 69 4.42 -3.39 -15.40
C SER A 69 4.85 -3.06 -16.79
N MET A 70 4.78 -1.76 -17.13
CA MET A 70 5.00 -1.32 -18.51
C MET A 70 6.52 -1.40 -18.87
N GLY A 71 7.38 -1.12 -17.91
CA GLY A 71 8.81 -1.14 -18.16
C GLY A 71 9.34 0.06 -18.90
N LEU A 72 8.69 1.21 -18.70
CA LEU A 72 9.13 2.48 -19.24
C LEU A 72 9.19 2.57 -20.77
N PRO A 73 8.12 2.11 -21.43
CA PRO A 73 8.05 2.34 -22.87
C PRO A 73 7.87 3.83 -23.15
N ASN A 74 8.63 4.35 -24.10
CA ASN A 74 8.60 5.78 -24.40
C ASN A 74 9.38 6.01 -25.69
N LEU A 75 9.18 7.19 -26.28
CA LEU A 75 9.76 7.50 -27.57
C LEU A 75 11.22 8.02 -27.49
N GLY A 76 11.72 8.26 -26.28
CA GLY A 76 13.08 8.78 -26.09
C GLY A 76 13.09 10.27 -25.86
N PHE A 77 14.13 10.73 -25.19
CA PHE A 77 14.23 12.10 -24.81
C PHE A 77 14.06 13.08 -25.95
N ASP A 78 14.77 12.84 -27.03
CA ASP A 78 14.77 13.72 -28.20
C ASP A 78 13.39 13.98 -28.71
N PHE A 79 12.54 12.96 -28.73
CA PHE A 79 11.16 13.19 -29.15
C PHE A 79 10.44 14.16 -28.18
N TYR A 80 10.47 13.90 -26.88
CA TYR A 80 9.73 14.78 -25.94
C TYR A 80 10.35 16.16 -25.78
N LEU A 81 11.65 16.25 -25.97
CA LEU A 81 12.29 17.57 -25.95
C LEU A 81 11.79 18.37 -27.15
N LYS A 82 11.75 17.72 -28.32
CA LYS A 82 11.28 18.35 -29.56
C LYS A 82 9.82 18.70 -29.46
N TYR A 83 9.04 17.88 -28.76
CA TYR A 83 7.64 18.21 -28.50
C TYR A 83 7.63 19.52 -27.72
N ALA A 84 8.48 19.60 -26.69
CA ALA A 84 8.48 20.79 -25.81
C ALA A 84 8.97 22.04 -26.53
N SER A 85 10.02 21.91 -27.34
CA SER A 85 10.61 23.10 -28.00
C SER A 85 9.84 23.57 -29.21
N ASP A 86 9.31 22.66 -30.04
CA ASP A 86 8.75 23.04 -31.36
C ASP A 86 7.25 22.79 -31.59
N LEU A 87 6.69 21.73 -31.03
CA LEU A 87 5.30 21.36 -31.33
C LEU A 87 4.24 21.80 -30.30
N HIS A 88 4.58 21.88 -29.02
CA HIS A 88 3.57 22.20 -28.02
C HIS A 88 3.03 23.64 -28.07
N ASP A 89 1.75 23.80 -27.82
CA ASP A 89 1.10 25.11 -27.80
C ASP A 89 0.85 25.59 -26.38
N TYR A 90 1.87 26.28 -25.83
CA TYR A 90 1.84 26.84 -24.49
C TYR A 90 0.73 27.87 -24.24
N SER A 91 0.15 28.43 -25.30
CA SER A 91 -1.03 29.29 -25.11
C SER A 91 -2.32 28.51 -24.75
N LYS A 92 -2.33 27.18 -24.92
CA LYS A 92 -3.48 26.34 -24.52
C LYS A 92 -3.38 25.96 -23.05
N LYS A 93 -2.21 25.48 -22.64
CA LYS A 93 -1.99 25.20 -21.23
C LYS A 93 -0.52 24.86 -21.04
N PRO A 94 -0.05 24.86 -19.79
CA PRO A 94 1.33 24.47 -19.56
C PRO A 94 1.65 22.97 -19.77
N LEU A 95 2.91 22.71 -20.11
CA LEU A 95 3.44 21.37 -20.25
C LEU A 95 4.45 21.07 -19.13
N PHE A 96 4.32 19.85 -18.58
CA PHE A 96 5.33 19.22 -17.75
C PHE A 96 6.03 18.18 -18.59
N LEU A 97 7.33 18.02 -18.40
CA LEU A 97 8.06 16.92 -19.04
C LEU A 97 8.63 16.04 -17.94
N SER A 98 8.38 14.76 -18.02
CA SER A 98 8.80 13.86 -17.00
C SER A 98 10.02 13.08 -17.42
N ILE A 99 11.06 13.10 -16.60
CA ILE A 99 12.23 12.30 -16.89
C ILE A 99 12.47 11.19 -15.89
N SER A 100 12.66 10.00 -16.38
CA SER A 100 12.96 8.87 -15.54
C SER A 100 14.11 7.99 -16.00
N GLY A 101 15.28 8.56 -16.02
CA GLY A 101 16.52 7.91 -16.40
C GLY A 101 16.98 6.82 -15.48
N LEU A 102 17.71 5.89 -16.04
CA LEU A 102 18.05 4.68 -15.32
C LEU A 102 19.33 4.78 -14.50
N SER A 103 19.86 5.96 -14.43
CA SER A 103 20.99 6.21 -13.61
C SER A 103 21.05 7.68 -13.46
N VAL A 104 21.80 8.08 -12.47
CA VAL A 104 21.95 9.47 -12.17
C VAL A 104 22.54 10.19 -13.38
N GLU A 105 23.55 9.58 -14.00
CA GLU A 105 24.20 10.14 -15.21
C GLU A 105 23.23 10.35 -16.38
N GLU A 106 22.35 9.38 -16.63
CA GLU A 106 21.36 9.55 -17.70
C GLU A 106 20.41 10.72 -17.36
N ASN A 107 19.94 10.84 -16.11
CA ASN A 107 19.11 12.00 -15.74
C ASN A 107 19.84 13.33 -15.97
N VAL A 108 21.12 13.36 -15.63
CA VAL A 108 21.93 14.55 -15.71
C VAL A 108 22.08 15.01 -17.15
N ALA A 109 22.34 14.08 -18.05
CA ALA A 109 22.50 14.41 -19.49
C ALA A 109 21.20 15.01 -20.00
N MET A 110 20.07 14.36 -19.71
CA MET A 110 18.81 14.89 -20.19
C MET A 110 18.57 16.28 -19.63
N VAL A 111 18.72 16.49 -18.32
CA VAL A 111 18.30 17.80 -17.75
C VAL A 111 19.13 18.94 -18.29
N ARG A 112 20.39 18.66 -18.56
CA ARG A 112 21.28 19.67 -19.10
C ARG A 112 20.74 20.11 -20.43
N ARG A 113 20.25 19.18 -21.23
CA ARG A 113 19.68 19.59 -22.52
C ARG A 113 18.30 20.19 -22.39
N LEU A 114 17.57 19.87 -21.31
CA LEU A 114 16.26 20.47 -21.07
C LEU A 114 16.35 21.95 -20.63
N ALA A 115 17.40 22.31 -19.90
CA ALA A 115 17.48 23.62 -19.28
C ALA A 115 17.12 24.77 -20.19
N PRO A 116 17.81 24.91 -21.33
CA PRO A 116 17.52 26.09 -22.16
C PRO A 116 16.09 26.16 -22.70
N VAL A 117 15.46 25.01 -23.00
CA VAL A 117 14.03 24.98 -23.44
C VAL A 117 13.10 25.36 -22.23
N ALA A 118 13.40 24.84 -21.04
CA ALA A 118 12.72 25.21 -19.81
C ALA A 118 12.70 26.73 -19.66
N GLN A 119 13.86 27.34 -19.89
CA GLN A 119 14.03 28.79 -19.81
C GLN A 119 13.29 29.53 -20.90
N GLU A 120 13.48 29.12 -22.16
CA GLU A 120 12.90 29.85 -23.27
C GLU A 120 11.38 29.57 -23.45
N LYS A 121 10.97 28.29 -23.35
CA LYS A 121 9.56 27.89 -23.55
C LYS A 121 8.74 27.73 -22.27
N GLY A 122 9.38 27.53 -21.13
CA GLY A 122 8.64 27.49 -19.88
C GLY A 122 8.16 26.09 -19.53
N VAL A 123 8.65 25.08 -20.26
CA VAL A 123 8.35 23.69 -19.90
C VAL A 123 8.83 23.46 -18.47
N LEU A 124 8.15 22.57 -17.75
CA LEU A 124 8.40 22.32 -16.33
C LEU A 124 8.86 20.88 -16.09
N LEU A 125 9.88 20.66 -15.28
CA LEU A 125 10.45 19.32 -15.08
C LEU A 125 9.89 18.62 -13.84
N GLU A 126 9.54 17.34 -14.02
CA GLU A 126 9.11 16.42 -12.95
C GLU A 126 10.12 15.28 -13.01
N LEU A 127 10.93 15.17 -11.98
CA LEU A 127 11.90 14.10 -11.92
C LEU A 127 11.23 12.87 -11.29
N ASN A 128 11.16 11.77 -12.03
CA ASN A 128 10.54 10.56 -11.51
C ASN A 128 11.53 9.79 -10.62
N LEU A 129 11.29 9.86 -9.32
CA LEU A 129 12.18 9.29 -8.33
C LEU A 129 11.78 7.94 -7.93
N SER A 130 10.78 7.44 -8.56
CA SER A 130 10.30 6.12 -8.33
C SER A 130 10.91 5.18 -9.33
N CYS A 131 11.94 5.63 -10.01
CA CYS A 131 12.69 4.82 -10.89
C CYS A 131 13.48 3.71 -10.22
N PRO A 132 13.56 2.53 -10.97
CA PRO A 132 14.55 1.58 -10.46
C PRO A 132 15.97 2.09 -10.63
N ASN A 133 16.83 1.71 -9.72
CA ASN A 133 18.24 1.96 -9.83
C ASN A 133 18.94 0.68 -10.23
N VAL A 134 20.04 0.36 -9.58
CA VAL A 134 20.69 -0.92 -9.81
C VAL A 134 19.82 -2.02 -9.22
N PRO A 135 19.61 -3.14 -10.06
CA PRO A 135 18.72 -4.17 -9.48
C PRO A 135 19.20 -4.93 -8.25
N GLY A 136 18.29 -5.19 -7.34
CA GLY A 136 18.64 -5.75 -6.05
C GLY A 136 18.66 -4.69 -4.99
N LYS A 137 18.43 -3.47 -5.40
CA LYS A 137 18.32 -2.38 -4.49
C LYS A 137 16.94 -1.82 -4.65
N PRO A 138 16.45 -1.20 -3.50
CA PRO A 138 15.11 -0.63 -3.67
C PRO A 138 15.09 0.48 -4.67
N GLN A 139 13.91 0.79 -5.15
CA GLN A 139 13.74 1.92 -6.06
C GLN A 139 14.36 3.17 -5.41
N VAL A 140 14.63 4.21 -6.21
CA VAL A 140 15.49 5.30 -5.76
C VAL A 140 14.91 6.02 -4.51
N ALA A 141 13.61 6.30 -4.50
CA ALA A 141 13.00 7.07 -3.42
C ALA A 141 12.85 6.32 -2.06
N TYR A 142 13.07 5.01 -2.08
CA TYR A 142 13.07 4.20 -0.88
C TYR A 142 14.48 4.00 -0.34
N ASP A 143 15.45 4.70 -0.92
CA ASP A 143 16.88 4.58 -0.63
C ASP A 143 17.38 6.00 -0.56
N PHE A 144 17.53 6.52 0.66
CA PHE A 144 17.54 7.99 0.84
C PHE A 144 18.87 8.61 0.46
N GLU A 145 19.90 7.78 0.37
CA GLU A 145 21.23 8.22 -0.06
C GLU A 145 21.28 8.40 -1.61
N ALA A 146 20.81 7.36 -2.32
CA ALA A 146 20.59 7.48 -3.74
C ALA A 146 19.68 8.69 -4.06
N MET A 147 18.58 8.85 -3.32
CA MET A 147 17.70 9.99 -3.54
C MET A 147 18.44 11.31 -3.35
N ARG A 148 19.22 11.38 -2.28
CA ARG A 148 19.97 12.60 -2.03
C ARG A 148 20.93 12.84 -3.20
N THR A 149 21.66 11.78 -3.58
CA THR A 149 22.64 11.83 -4.66
C THR A 149 22.03 12.38 -5.96
N TYR A 150 20.93 11.77 -6.39
CA TYR A 150 20.20 12.19 -7.60
C TYR A 150 19.75 13.65 -7.55
N LEU A 151 19.38 14.15 -6.36
CA LEU A 151 18.87 15.55 -6.23
C LEU A 151 19.96 16.64 -6.29
N GLN A 152 21.13 16.34 -5.74
CA GLN A 152 22.27 17.27 -5.80
C GLN A 152 22.74 17.35 -7.25
N GLN A 153 22.89 16.19 -7.88
CA GLN A 153 23.40 16.15 -9.25
C GLN A 153 22.49 16.84 -10.27
N VAL A 154 21.19 16.52 -10.22
CA VAL A 154 20.18 17.19 -11.08
C VAL A 154 20.01 18.67 -10.71
N SER A 155 20.17 19.00 -9.43
CA SER A 155 20.04 20.40 -9.01
C SER A 155 21.18 21.20 -9.62
N LEU A 156 22.39 20.68 -9.49
CA LEU A 156 23.57 21.31 -10.11
C LEU A 156 23.45 21.37 -11.62
N ALA A 157 23.13 20.23 -12.23
CA ALA A 157 22.98 20.16 -13.69
C ALA A 157 21.89 21.05 -14.26
N TYR A 158 20.75 21.21 -13.56
CA TYR A 158 19.60 21.89 -14.16
C TYR A 158 19.54 23.37 -13.75
N GLY A 159 19.76 23.68 -12.48
CA GLY A 159 19.81 25.07 -12.01
C GLY A 159 18.47 25.79 -12.02
N LEU A 160 17.37 25.06 -12.20
CA LEU A 160 16.07 25.71 -12.33
C LEU A 160 15.07 25.00 -11.46
N PRO A 161 13.99 25.70 -11.12
CA PRO A 161 12.81 25.09 -10.50
C PRO A 161 12.34 23.79 -11.20
N PHE A 162 12.31 22.69 -10.48
CA PHE A 162 11.74 21.42 -10.96
C PHE A 162 10.90 20.78 -9.84
N GLY A 163 10.31 19.63 -10.14
CA GLY A 163 9.56 18.85 -9.17
C GLY A 163 9.92 17.39 -9.25
N VAL A 164 9.36 16.65 -8.32
CA VAL A 164 9.82 15.32 -8.02
C VAL A 164 8.59 14.44 -7.90
N LYS A 165 8.62 13.23 -8.44
CA LYS A 165 7.47 12.32 -8.32
C LYS A 165 7.83 11.18 -7.37
N MET A 166 7.11 11.09 -6.26
CA MET A 166 7.39 10.15 -5.19
C MET A 166 6.48 8.92 -5.17
N PRO A 167 7.04 7.78 -4.76
CA PRO A 167 6.22 6.62 -4.49
C PRO A 167 5.63 6.78 -3.12
N PRO A 168 4.69 5.89 -2.75
CA PRO A 168 4.06 6.05 -1.44
C PRO A 168 4.95 5.55 -0.32
N TYR A 169 4.83 6.16 0.85
CA TYR A 169 5.46 5.61 2.07
C TYR A 169 4.38 5.19 3.03
N PHE A 170 4.76 4.37 3.99
CA PHE A 170 3.82 3.64 4.85
C PHE A 170 4.16 3.70 6.34
N ASP A 171 5.19 4.47 6.65
CA ASP A 171 5.79 4.51 7.97
C ASP A 171 6.13 6.00 8.21
N ILE A 172 5.84 6.50 9.41
CA ILE A 172 6.10 7.90 9.79
C ILE A 172 7.59 8.30 9.62
N ALA A 173 8.48 7.34 9.92
CA ALA A 173 9.93 7.59 9.92
C ALA A 173 10.39 7.94 8.54
N HIS A 174 9.84 7.24 7.58
CA HIS A 174 10.12 7.48 6.16
C HIS A 174 9.55 8.81 5.74
N PHE A 175 8.31 9.10 6.12
CA PHE A 175 7.74 10.41 5.82
C PHE A 175 8.72 11.50 6.27
N ASP A 176 9.13 11.43 7.56
CA ASP A 176 10.06 12.39 8.17
C ASP A 176 11.37 12.41 7.41
N THR A 177 11.91 11.24 7.09
CA THR A 177 13.23 11.17 6.46
C THR A 177 13.19 11.65 5.01
N ALA A 178 12.23 11.17 4.21
CA ALA A 178 12.06 11.66 2.83
C ALA A 178 11.75 13.17 2.74
N ALA A 179 10.95 13.70 3.64
CA ALA A 179 10.69 15.15 3.65
C ALA A 179 11.91 15.96 4.09
N ALA A 180 12.70 15.44 5.01
CA ALA A 180 13.93 16.16 5.43
C ALA A 180 14.89 16.30 4.22
N VAL A 181 15.11 15.19 3.51
CA VAL A 181 15.94 15.19 2.28
C VAL A 181 15.41 16.14 1.21
N LEU A 182 14.09 16.12 0.99
CA LEU A 182 13.48 17.05 0.04
C LEU A 182 13.70 18.50 0.41
N ASN A 183 13.60 18.79 1.70
CA ASN A 183 13.78 20.18 2.18
C ASN A 183 15.24 20.74 2.06
N GLU A 184 16.22 19.87 1.83
CA GLU A 184 17.60 20.30 1.54
C GLU A 184 17.72 20.99 0.19
N PHE A 185 16.74 20.82 -0.69
CA PHE A 185 16.89 21.18 -2.10
C PHE A 185 15.92 22.26 -2.51
N PRO A 186 16.34 23.53 -2.38
CA PRO A 186 15.43 24.63 -2.66
C PRO A 186 14.90 24.66 -4.06
N LEU A 187 15.57 24.03 -5.04
CA LEU A 187 15.00 24.08 -6.41
C LEU A 187 13.81 23.12 -6.62
N VAL A 188 13.66 22.12 -5.72
CA VAL A 188 12.48 21.24 -5.73
C VAL A 188 11.31 22.08 -5.24
N LYS A 189 10.58 22.69 -6.17
CA LYS A 189 9.44 23.52 -5.80
C LYS A 189 8.16 22.72 -5.68
N PHE A 190 8.15 21.47 -6.13
CA PHE A 190 6.94 20.67 -6.01
C PHE A 190 7.18 19.16 -5.94
N VAL A 191 6.22 18.50 -5.26
CA VAL A 191 6.27 17.08 -4.93
C VAL A 191 4.92 16.41 -5.29
N THR A 192 5.02 15.39 -6.13
CA THR A 192 3.87 14.62 -6.57
C THR A 192 3.79 13.33 -5.83
N CYS A 193 2.70 13.17 -5.10
CA CYS A 193 2.43 12.01 -4.27
C CYS A 193 1.10 11.48 -4.73
N VAL A 194 1.02 10.26 -5.26
CA VAL A 194 2.06 9.26 -5.31
C VAL A 194 2.06 8.49 -6.61
N ASN A 195 3.15 7.76 -6.83
CA ASN A 195 3.26 6.80 -7.90
C ASN A 195 2.49 5.56 -7.51
N SER A 196 2.51 4.56 -8.38
CA SER A 196 1.79 3.35 -8.09
C SER A 196 2.25 2.67 -6.80
N VAL A 197 1.31 2.04 -6.14
CA VAL A 197 1.65 1.16 -5.06
C VAL A 197 2.32 -0.07 -5.67
N GLY A 198 3.58 -0.22 -5.29
CA GLY A 198 4.52 -1.17 -5.87
C GLY A 198 4.21 -2.62 -5.59
N ASN A 199 4.39 -3.44 -6.62
CA ASN A 199 4.36 -4.89 -6.57
C ASN A 199 3.15 -5.51 -5.92
N GLY A 200 1.98 -5.08 -6.32
CA GLY A 200 0.78 -5.81 -5.96
C GLY A 200 0.70 -6.98 -6.89
N LEU A 201 -0.29 -7.81 -6.66
CA LEU A 201 -0.49 -9.02 -7.42
C LEU A 201 -2.00 -9.25 -7.57
N VAL A 202 -2.46 -9.16 -8.81
CA VAL A 202 -3.84 -9.46 -9.15
C VAL A 202 -3.98 -10.85 -9.80
N ILE A 203 -4.86 -11.65 -9.22
CA ILE A 203 -5.09 -13.04 -9.66
C ILE A 203 -6.54 -13.19 -10.11
N ASP A 204 -6.76 -13.81 -11.27
CA ASP A 204 -8.08 -14.03 -11.84
C ASP A 204 -8.54 -15.43 -11.42
N ALA A 205 -9.65 -15.45 -10.69
CA ALA A 205 -10.22 -16.67 -10.12
C ALA A 205 -10.63 -17.78 -11.14
N GLU A 206 -11.25 -17.42 -12.25
CA GLU A 206 -11.73 -18.40 -13.28
C GLU A 206 -10.54 -19.05 -14.01
N SER A 207 -9.55 -18.25 -14.38
CA SER A 207 -8.37 -18.78 -15.05
C SER A 207 -7.24 -19.27 -14.08
N GLU A 208 -7.32 -18.90 -12.80
CA GLU A 208 -6.30 -19.28 -11.81
C GLU A 208 -4.92 -18.75 -12.19
N SER A 209 -4.94 -17.60 -12.85
CA SER A 209 -3.75 -17.02 -13.49
C SER A 209 -3.55 -15.58 -13.09
N VAL A 210 -2.29 -15.16 -13.05
CA VAL A 210 -1.96 -13.75 -12.99
C VAL A 210 -2.39 -13.05 -14.29
N VAL A 211 -2.48 -11.72 -14.28
CA VAL A 211 -3.12 -11.05 -15.44
C VAL A 211 -2.16 -10.19 -16.24
N ILE A 212 -0.94 -9.96 -15.70
CA ILE A 212 0.14 -9.38 -16.48
C ILE A 212 1.32 -10.33 -16.57
N LYS A 213 2.00 -10.24 -17.70
CA LYS A 213 3.05 -11.19 -18.07
C LYS A 213 4.39 -10.92 -17.39
N PRO A 214 4.90 -9.67 -17.44
CA PRO A 214 6.18 -9.40 -16.77
C PRO A 214 6.17 -9.72 -15.27
N LYS A 215 7.32 -10.15 -14.76
CA LYS A 215 7.57 -10.26 -13.31
C LYS A 215 6.63 -11.18 -12.56
N GLN A 216 6.18 -12.23 -13.23
CA GLN A 216 5.32 -13.23 -12.61
C GLN A 216 3.99 -12.64 -12.09
N GLY A 217 3.56 -11.55 -12.73
CA GLY A 217 2.28 -10.92 -12.47
C GLY A 217 2.35 -9.75 -11.52
N PHE A 218 3.52 -9.52 -10.95
CA PHE A 218 3.68 -8.48 -9.94
C PHE A 218 3.73 -7.11 -10.59
N GLY A 219 2.97 -6.14 -10.08
CA GLY A 219 2.87 -4.86 -10.78
C GLY A 219 2.45 -3.70 -9.89
N GLY A 220 2.45 -2.50 -10.47
CA GLY A 220 2.12 -1.32 -9.73
C GLY A 220 0.62 -1.14 -9.72
N LEU A 221 0.08 -0.80 -8.55
CA LEU A 221 -1.36 -0.62 -8.35
C LEU A 221 -1.75 0.84 -8.46
N GLY A 222 -2.79 1.12 -9.27
CA GLY A 222 -3.46 2.41 -9.24
C GLY A 222 -4.97 2.29 -8.99
N GLY A 223 -5.63 3.43 -8.85
CA GLY A 223 -7.07 3.52 -8.74
C GLY A 223 -7.67 3.60 -7.34
N LYS A 224 -8.90 3.11 -7.22
CA LYS A 224 -9.62 3.12 -5.92
C LYS A 224 -8.87 2.44 -4.80
N TYR A 225 -8.08 1.40 -5.12
CA TYR A 225 -7.24 0.71 -4.12
C TYR A 225 -6.38 1.64 -3.30
N ILE A 226 -5.96 2.77 -3.89
CA ILE A 226 -4.83 3.56 -3.37
C ILE A 226 -5.16 5.01 -2.95
N LEU A 227 -6.43 5.38 -2.99
CA LEU A 227 -6.85 6.69 -2.59
C LEU A 227 -6.38 7.04 -1.18
N PRO A 228 -6.65 6.19 -0.19
CA PRO A 228 -6.30 6.61 1.15
C PRO A 228 -4.83 6.73 1.36
N THR A 229 -4.10 5.77 0.78
CA THR A 229 -2.65 5.82 0.76
C THR A 229 -2.23 7.16 0.20
N ALA A 230 -2.83 7.54 -0.93
CA ALA A 230 -2.39 8.71 -1.65
C ALA A 230 -2.67 9.98 -0.84
N LEU A 231 -3.81 10.07 -0.16
CA LEU A 231 -4.13 11.21 0.69
C LEU A 231 -3.21 11.28 1.91
N ALA A 232 -2.95 10.17 2.52
CA ALA A 232 -1.95 10.18 3.57
C ALA A 232 -0.62 10.85 3.12
N ASN A 233 -0.16 10.56 1.92
CA ASN A 233 1.14 11.02 1.46
C ASN A 233 1.05 12.49 1.05
N VAL A 234 -0.04 12.84 0.39
CA VAL A 234 -0.25 14.22 0.10
C VAL A 234 -0.15 15.07 1.37
N ASN A 235 -0.84 14.63 2.40
CA ASN A 235 -0.98 15.43 3.59
C ASN A 235 0.25 15.42 4.47
N ALA A 236 0.91 14.28 4.62
CA ALA A 236 2.20 14.24 5.28
C ALA A 236 3.20 15.25 4.72
N PHE A 237 3.28 15.31 3.39
CA PHE A 237 4.23 16.21 2.71
C PHE A 237 3.78 17.66 2.73
N TYR A 238 2.48 17.90 2.70
CA TYR A 238 1.92 19.25 2.80
C TYR A 238 2.25 19.83 4.18
N ARG A 239 2.10 19.03 5.23
CA ARG A 239 2.53 19.44 6.56
C ARG A 239 4.07 19.53 6.69
N ARG A 240 4.82 18.56 6.22
CA ARG A 240 6.30 18.57 6.36
C ARG A 240 7.11 19.46 5.43
N CYS A 241 6.50 20.08 4.43
CA CYS A 241 7.24 20.90 3.44
C CYS A 241 6.55 22.22 3.12
N PRO A 242 6.49 23.12 4.11
CA PRO A 242 5.73 24.38 3.98
C PRO A 242 6.15 25.29 2.82
N ASP A 243 7.36 25.11 2.28
CA ASP A 243 7.85 26.01 1.21
C ASP A 243 7.74 25.41 -0.21
N LYS A 244 7.16 24.21 -0.29
CA LYS A 244 6.98 23.51 -1.56
C LYS A 244 5.51 23.24 -1.76
N LEU A 245 5.16 23.06 -3.03
CA LEU A 245 3.80 22.65 -3.39
C LEU A 245 3.67 21.14 -3.43
N VAL A 246 2.49 20.64 -3.11
CA VAL A 246 2.18 19.23 -3.32
C VAL A 246 1.14 19.06 -4.43
N PHE A 247 1.49 18.17 -5.38
CA PHE A 247 0.54 17.69 -6.36
C PHE A 247 0.07 16.32 -5.92
N GLY A 248 -1.22 16.11 -6.02
CA GLY A 248 -1.77 14.84 -5.58
C GLY A 248 -2.11 13.98 -6.76
N CYS A 249 -1.89 12.67 -6.60
CA CYS A 249 -2.10 11.69 -7.64
C CYS A 249 -2.46 10.42 -6.94
N GLY A 250 -3.60 9.81 -7.29
CA GLY A 250 -3.99 8.57 -6.59
C GLY A 250 -5.48 8.37 -6.44
N GLY A 251 -5.99 7.43 -7.23
CA GLY A 251 -7.37 7.02 -7.15
C GLY A 251 -8.43 8.10 -7.27
N VAL A 252 -8.17 9.10 -8.10
CA VAL A 252 -9.18 10.08 -8.41
C VAL A 252 -10.10 9.59 -9.57
N TYR A 253 -11.38 9.35 -9.25
CA TYR A 253 -12.42 9.03 -10.26
C TYR A 253 -13.56 10.07 -10.34
N SER A 254 -13.53 11.09 -9.48
CA SER A 254 -14.65 12.00 -9.30
C SER A 254 -14.17 13.30 -8.67
N GLY A 255 -15.05 14.30 -8.65
CA GLY A 255 -14.73 15.59 -8.07
C GLY A 255 -14.61 15.51 -6.56
N GLU A 256 -15.33 14.57 -5.96
CA GLU A 256 -15.20 14.40 -4.53
C GLU A 256 -13.79 13.90 -4.25
N ASP A 257 -13.30 12.93 -5.04
CA ASP A 257 -11.89 12.45 -4.87
C ASP A 257 -10.94 13.61 -5.04
N ALA A 258 -11.16 14.43 -6.04
CA ALA A 258 -10.32 15.64 -6.20
C ALA A 258 -10.42 16.61 -5.01
N PHE A 259 -11.63 16.70 -4.42
CA PHE A 259 -11.93 17.59 -3.32
C PHE A 259 -11.12 17.15 -2.12
N LEU A 260 -11.14 15.86 -1.88
CA LEU A 260 -10.39 15.24 -0.82
C LEU A 260 -8.87 15.46 -0.89
N HIS A 261 -8.30 15.11 -2.04
CA HIS A 261 -6.90 15.43 -2.37
C HIS A 261 -6.59 16.88 -2.10
N ILE A 262 -7.51 17.78 -2.47
CA ILE A 262 -7.24 19.20 -2.29
C ILE A 262 -7.31 19.56 -0.81
N LEU A 263 -8.29 19.07 -0.05
CA LEU A 263 -8.31 19.29 1.40
C LEU A 263 -7.09 18.75 2.09
N ALA A 264 -6.51 17.68 1.57
CA ALA A 264 -5.27 17.14 2.12
C ALA A 264 -4.11 18.04 1.89
N GLY A 265 -4.24 19.00 0.97
CA GLY A 265 -3.14 19.88 0.61
C GLY A 265 -2.73 19.94 -0.85
N ALA A 266 -3.40 19.22 -1.74
CA ALA A 266 -3.00 19.23 -3.14
C ALA A 266 -3.23 20.58 -3.88
N SER A 267 -2.24 20.97 -4.68
CA SER A 267 -2.42 22.11 -5.57
C SER A 267 -2.93 21.61 -6.90
N MET A 268 -2.20 20.75 -7.58
CA MET A 268 -2.68 20.14 -8.80
C MET A 268 -3.15 18.75 -8.46
N VAL A 269 -3.98 18.20 -9.34
CA VAL A 269 -4.56 16.89 -9.14
C VAL A 269 -4.45 16.10 -10.45
N GLN A 270 -3.77 14.98 -10.38
CA GLN A 270 -3.53 14.16 -11.54
C GLN A 270 -4.44 12.97 -11.51
N VAL A 271 -4.71 12.49 -12.74
CA VAL A 271 -5.58 11.38 -12.96
C VAL A 271 -4.94 10.33 -13.88
N GLY A 272 -4.89 9.10 -13.42
CA GLY A 272 -4.21 8.06 -14.12
C GLY A 272 -5.17 7.05 -14.64
N THR A 273 -5.44 6.04 -13.80
CA THR A 273 -6.27 4.92 -14.18
C THR A 273 -7.66 5.36 -14.66
N ALA A 274 -8.26 6.31 -13.94
CA ALA A 274 -9.59 6.74 -14.32
C ALA A 274 -9.57 7.33 -15.75
N LEU A 275 -8.48 8.01 -16.10
CA LEU A 275 -8.27 8.60 -17.42
C LEU A 275 -8.05 7.56 -18.50
N GLN A 276 -7.19 6.60 -18.22
CA GLN A 276 -7.02 5.40 -19.07
C GLN A 276 -8.34 4.66 -19.35
N GLU A 277 -9.19 4.59 -18.32
CA GLU A 277 -10.43 3.84 -18.43
C GLU A 277 -11.50 4.62 -19.16
N GLU A 278 -11.68 5.86 -18.77
CA GLU A 278 -12.68 6.73 -19.29
C GLU A 278 -12.28 7.58 -20.52
N GLY A 279 -11.00 7.86 -20.73
CA GLY A 279 -10.61 8.81 -21.76
C GLY A 279 -10.76 10.25 -21.30
N PRO A 280 -10.30 11.21 -22.13
CA PRO A 280 -10.06 12.56 -21.66
C PRO A 280 -11.30 13.40 -21.44
N GLY A 281 -12.45 12.98 -21.95
CA GLY A 281 -13.73 13.60 -21.55
C GLY A 281 -13.91 13.60 -20.02
N ILE A 282 -13.13 12.78 -19.33
CA ILE A 282 -13.25 12.75 -17.87
C ILE A 282 -13.00 14.11 -17.21
N PHE A 283 -12.14 14.91 -17.84
CA PHE A 283 -11.80 16.19 -17.26
C PHE A 283 -12.97 17.19 -17.10
N THR A 284 -13.87 17.23 -18.07
CA THR A 284 -15.08 18.07 -17.96
C THR A 284 -15.98 17.60 -16.82
N ARG A 285 -16.11 16.28 -16.66
CA ARG A 285 -16.89 15.72 -15.55
C ARG A 285 -16.29 16.07 -14.22
N LEU A 286 -14.97 15.93 -14.12
CA LEU A 286 -14.30 16.17 -12.86
C LEU A 286 -14.51 17.62 -12.42
N GLU A 287 -14.28 18.55 -13.35
CA GLU A 287 -14.43 20.00 -13.11
C GLU A 287 -15.83 20.40 -12.64
N ASP A 288 -16.87 19.97 -13.37
CA ASP A 288 -18.26 20.20 -12.98
C ASP A 288 -18.61 19.61 -11.60
N GLU A 289 -18.17 18.36 -11.37
CA GLU A 289 -18.40 17.71 -10.08
C GLU A 289 -17.71 18.48 -8.96
N LEU A 290 -16.48 18.93 -9.20
CA LEU A 290 -15.75 19.66 -8.16
C LEU A 290 -16.45 21.01 -7.89
N LEU A 291 -16.80 21.74 -8.96
CA LEU A 291 -17.50 23.03 -8.83
C LEU A 291 -18.86 22.84 -8.16
N GLU A 292 -19.51 21.72 -8.41
CA GLU A 292 -20.79 21.42 -7.77
C GLU A 292 -20.64 21.29 -6.24
N ILE A 293 -19.58 20.62 -5.80
CA ILE A 293 -19.29 20.45 -4.39
C ILE A 293 -18.92 21.79 -3.73
N MET A 294 -18.07 22.57 -4.39
CA MET A 294 -17.74 23.92 -3.92
C MET A 294 -18.99 24.87 -3.78
N ALA A 295 -19.91 24.88 -4.73
CA ALA A 295 -21.13 25.70 -4.63
C ALA A 295 -21.97 25.35 -3.39
N ARG A 296 -22.35 24.09 -3.29
CA ARG A 296 -23.06 23.50 -2.16
C ARG A 296 -22.48 23.91 -0.79
N LYS A 297 -21.15 24.02 -0.70
CA LYS A 297 -20.44 24.35 0.53
C LYS A 297 -20.10 25.84 0.67
N GLY A 298 -20.33 26.64 -0.35
CA GLY A 298 -20.00 28.07 -0.26
C GLY A 298 -18.59 28.48 -0.68
N TYR A 299 -17.75 27.56 -1.14
CA TYR A 299 -16.36 27.94 -1.52
C TYR A 299 -16.24 28.56 -2.89
N ARG A 300 -15.59 29.71 -3.01
CA ARG A 300 -15.44 30.33 -4.33
C ARG A 300 -14.12 30.03 -5.05
N THR A 301 -13.08 29.67 -4.29
CA THR A 301 -11.82 29.23 -4.87
C THR A 301 -11.24 27.99 -4.18
N LEU A 302 -10.18 27.45 -4.78
CA LEU A 302 -9.51 26.26 -4.24
C LEU A 302 -8.77 26.56 -2.95
N GLU A 303 -8.18 27.75 -2.82
CA GLU A 303 -7.35 28.05 -1.63
C GLU A 303 -8.20 28.28 -0.37
N GLU A 304 -9.52 28.47 -0.56
CA GLU A 304 -10.44 28.51 0.55
C GLU A 304 -10.42 27.23 1.39
N PHE A 305 -10.16 26.08 0.76
CA PHE A 305 -10.13 24.84 1.51
C PHE A 305 -8.87 23.99 1.30
N ARG A 306 -7.89 24.46 0.53
CA ARG A 306 -6.70 23.63 0.30
C ARG A 306 -5.95 23.51 1.60
N GLY A 307 -5.69 22.27 1.99
CA GLY A 307 -4.88 21.98 3.19
C GLY A 307 -5.68 22.05 4.48
N ARG A 308 -6.99 22.23 4.34
CA ARG A 308 -7.79 22.56 5.49
C ARG A 308 -8.59 21.39 6.02
N VAL A 309 -8.10 20.16 5.81
CA VAL A 309 -8.65 19.03 6.47
C VAL A 309 -8.61 19.23 8.00
N LYS A 310 -9.74 18.94 8.63
CA LYS A 310 -9.85 19.03 10.08
C LYS A 310 -9.42 17.72 10.70
N THR A 311 -8.82 17.82 11.86
CA THR A 311 -8.59 16.65 12.70
C THR A 311 -9.59 16.68 13.83
N ILE A 312 -9.71 15.57 14.54
CA ILE A 312 -10.60 15.46 15.71
C ILE A 312 -9.80 15.84 16.98
N GLU A 313 -10.26 16.88 17.69
CA GLU A 313 -9.54 17.47 18.86
C GLU A 313 -8.14 18.01 18.49
N MET B 1 -17.55 -34.19 0.96
CA MET B 1 -16.36 -33.30 0.81
C MET B 1 -16.31 -32.20 1.88
N CYS B 2 -15.09 -31.90 2.34
CA CYS B 2 -14.85 -31.01 3.45
C CYS B 2 -13.41 -30.43 3.40
N LEU B 3 -13.18 -29.36 4.17
CA LEU B 3 -11.95 -28.58 4.11
C LEU B 3 -10.96 -28.82 5.26
N LYS B 4 -10.98 -29.99 5.90
CA LYS B 4 -10.05 -30.19 7.04
C LYS B 4 -8.61 -30.21 6.55
N LEU B 5 -7.70 -29.76 7.41
CA LEU B 5 -6.32 -29.85 7.10
C LEU B 5 -5.51 -29.98 8.41
N ASN B 6 -4.26 -30.35 8.23
CA ASN B 6 -3.39 -30.62 9.33
C ASN B 6 -2.18 -29.78 9.16
N LEU B 7 -1.83 -28.99 10.18
CA LEU B 7 -0.55 -28.29 10.12
C LEU B 7 0.03 -27.93 11.46
N LEU B 8 1.35 -27.82 11.46
CA LEU B 8 2.09 -27.54 12.68
C LEU B 8 1.64 -28.56 13.71
N ASP B 9 1.43 -29.79 13.28
CA ASP B 9 0.98 -30.86 14.14
C ASP B 9 -0.42 -30.65 14.80
N HIS B 10 -1.27 -29.81 14.21
CA HIS B 10 -2.65 -29.68 14.71
C HIS B 10 -3.68 -29.91 13.60
N VAL B 11 -4.84 -30.36 14.01
CA VAL B 11 -5.95 -30.58 13.14
C VAL B 11 -6.80 -29.33 13.04
N PHE B 12 -7.25 -28.99 11.85
CA PHE B 12 -8.13 -27.82 11.67
C PHE B 12 -9.33 -28.26 10.82
N ALA B 13 -10.54 -27.90 11.23
CA ALA B 13 -11.75 -28.22 10.49
C ALA B 13 -11.77 -27.51 9.11
N ASN B 14 -11.12 -26.36 9.02
CA ASN B 14 -11.01 -25.62 7.77
C ASN B 14 -9.90 -24.56 7.92
N PRO B 15 -9.49 -23.87 6.82
CA PRO B 15 -8.33 -22.94 6.91
C PRO B 15 -8.69 -21.52 7.37
N PHE B 16 -9.92 -21.32 7.84
CA PHE B 16 -10.38 -19.97 8.23
C PHE B 16 -10.23 -19.71 9.70
N MET B 17 -9.77 -18.50 10.02
CA MET B 17 -9.68 -17.97 11.37
C MET B 17 -9.84 -16.48 11.32
N ASN B 18 -10.08 -15.88 12.48
CA ASN B 18 -10.06 -14.44 12.60
C ASN B 18 -8.64 -13.90 12.37
N ALA B 19 -8.54 -12.61 12.04
CA ALA B 19 -7.27 -11.89 12.13
C ALA B 19 -7.07 -11.35 13.54
N ALA B 20 -5.81 -11.34 13.98
CA ALA B 20 -5.47 -10.80 15.26
C ALA B 20 -5.91 -9.33 15.26
N GLY B 21 -6.50 -8.90 16.38
CA GLY B 21 -7.17 -7.61 16.48
C GLY B 21 -8.69 -7.63 16.55
N VAL B 22 -9.31 -8.58 15.85
CA VAL B 22 -10.74 -8.53 15.57
C VAL B 22 -11.44 -9.61 16.35
N LEU B 23 -12.39 -9.22 17.16
CA LEU B 23 -13.16 -10.13 17.98
C LEU B 23 -12.39 -11.07 18.90
N CYS B 24 -11.27 -10.64 19.44
CA CYS B 24 -10.44 -11.49 20.21
C CYS B 24 -9.82 -10.85 21.42
N SER B 25 -10.31 -9.72 21.81
CA SER B 25 -9.90 -9.05 23.02
C SER B 25 -10.37 -9.59 24.36
N THR B 26 -11.61 -9.93 24.48
CA THR B 26 -12.20 -10.26 25.74
C THR B 26 -12.51 -11.73 25.84
N GLU B 27 -12.85 -12.20 27.01
CA GLU B 27 -13.23 -13.59 27.18
C GLU B 27 -14.51 -13.91 26.34
N GLU B 28 -15.42 -12.96 26.34
CA GLU B 28 -16.63 -13.00 25.53
C GLU B 28 -16.28 -13.20 24.06
N ASP B 29 -15.35 -12.38 23.57
CA ASP B 29 -14.94 -12.42 22.16
C ASP B 29 -14.43 -13.82 21.86
N LEU B 30 -13.56 -14.30 22.75
CA LEU B 30 -12.84 -15.56 22.52
C LEU B 30 -13.76 -16.77 22.59
N ARG B 31 -14.66 -16.77 23.56
CA ARG B 31 -15.72 -17.78 23.62
C ARG B 31 -16.57 -17.80 22.34
N CYS B 32 -16.86 -16.63 21.80
CA CYS B 32 -17.67 -16.46 20.59
C CYS B 32 -16.96 -17.00 19.34
N MET B 33 -15.75 -16.53 19.09
CA MET B 33 -14.88 -17.09 18.05
C MET B 33 -14.74 -18.60 18.14
N THR B 34 -14.63 -19.12 19.36
CA THR B 34 -14.55 -20.55 19.59
C THR B 34 -15.85 -21.24 19.20
N ALA B 35 -16.99 -20.65 19.56
CA ALA B 35 -18.31 -21.21 19.15
C ALA B 35 -18.57 -21.13 17.64
N SER B 36 -17.80 -20.32 16.92
CA SER B 36 -17.95 -20.13 15.47
C SER B 36 -17.55 -21.36 14.69
N SER B 37 -17.66 -21.30 13.37
CA SER B 37 -17.20 -22.34 12.46
C SER B 37 -15.76 -22.15 12.02
N SER B 38 -15.08 -21.15 12.56
CA SER B 38 -13.67 -21.00 12.21
C SER B 38 -12.93 -22.29 12.48
N GLY B 39 -11.99 -22.60 11.63
CA GLY B 39 -11.06 -23.65 11.88
C GLY B 39 -10.16 -23.39 13.06
N ALA B 40 -10.00 -22.12 13.45
CA ALA B 40 -9.08 -21.71 14.53
C ALA B 40 -9.38 -20.27 15.01
N LEU B 41 -8.69 -19.85 16.06
CA LEU B 41 -8.69 -18.47 16.52
C LEU B 41 -7.32 -17.94 17.05
N VAL B 42 -7.17 -16.61 16.91
CA VAL B 42 -6.06 -15.89 17.44
C VAL B 42 -6.55 -14.84 18.44
N SER B 43 -5.81 -14.70 19.54
CA SER B 43 -6.12 -13.71 20.56
C SER B 43 -5.61 -12.32 20.16
N LYS B 44 -6.19 -11.28 20.76
CA LYS B 44 -5.66 -9.92 20.54
C LYS B 44 -4.15 -9.85 20.85
N SER B 45 -3.39 -9.13 20.03
CA SER B 45 -1.94 -8.95 20.31
C SER B 45 -1.82 -8.35 21.70
N CYS B 46 -0.97 -8.90 22.54
CA CYS B 46 -0.88 -8.41 23.92
C CYS B 46 0.49 -7.93 24.36
N THR B 47 0.42 -7.15 25.43
CA THR B 47 1.55 -6.53 26.11
C THR B 47 1.56 -7.12 27.51
N SER B 48 2.68 -7.00 28.23
CA SER B 48 2.75 -7.52 29.61
C SER B 48 1.60 -6.98 30.47
N ALA B 49 1.37 -5.69 30.36
CA ALA B 49 0.49 -4.95 31.29
C ALA B 49 -0.74 -4.49 30.50
N PRO B 50 -1.93 -4.50 31.14
CA PRO B 50 -3.08 -4.00 30.37
C PRO B 50 -2.80 -2.62 29.75
N ARG B 51 -3.48 -2.31 28.64
CA ARG B 51 -3.39 -1.01 27.99
C ARG B 51 -4.79 -0.61 27.56
N ASP B 52 -5.12 0.68 27.71
CA ASP B 52 -6.40 1.25 27.30
C ASP B 52 -6.48 1.56 25.81
N GLY B 53 -5.32 1.78 25.18
CA GLY B 53 -5.25 2.08 23.73
C GLY B 53 -5.40 3.57 23.46
N ASN B 54 -5.53 3.92 22.20
CA ASN B 54 -5.71 5.31 21.82
C ASN B 54 -7.13 5.79 22.06
N PRO B 55 -7.33 7.13 22.11
CA PRO B 55 -8.67 7.79 22.17
C PRO B 55 -9.62 7.44 21.00
N GLU B 56 -10.89 7.18 21.32
CA GLU B 56 -11.93 6.90 20.30
C GLU B 56 -12.34 8.21 19.67
N PRO B 57 -12.83 8.19 18.42
CA PRO B 57 -12.96 7.06 17.51
C PRO B 57 -11.61 6.60 16.96
N ARG B 58 -11.42 5.28 16.92
CA ARG B 58 -10.15 4.68 16.50
C ARG B 58 -10.26 3.56 15.46
N TYR B 59 -11.49 3.19 15.11
CA TYR B 59 -11.73 2.26 14.00
C TYR B 59 -12.93 2.76 13.19
N MET B 60 -12.85 2.67 11.88
CA MET B 60 -13.98 3.00 11.02
C MET B 60 -13.91 2.15 9.76
N ALA B 61 -15.09 1.80 9.28
CA ALA B 61 -15.22 0.90 8.15
C ALA B 61 -16.06 1.57 7.09
N PHE B 62 -15.82 1.19 5.84
CA PHE B 62 -16.47 1.79 4.70
C PHE B 62 -16.67 0.68 3.69
N PRO B 63 -17.40 0.96 2.61
CA PRO B 63 -17.69 -0.12 1.66
C PRO B 63 -16.44 -0.79 1.13
N LEU B 64 -15.36 -0.04 0.96
CA LEU B 64 -14.12 -0.61 0.44
C LEU B 64 -13.13 -1.05 1.51
N GLY B 65 -13.42 -0.79 2.77
CA GLY B 65 -12.55 -1.28 3.80
C GLY B 65 -12.52 -0.51 5.06
N SER B 66 -11.39 -0.59 5.75
CA SER B 66 -11.30 -0.11 7.14
C SER B 66 -10.04 0.67 7.37
N ILE B 67 -10.10 1.49 8.43
CA ILE B 67 -8.94 2.23 8.91
C ILE B 67 -8.98 2.16 10.41
N ASN B 68 -7.81 1.92 10.99
CA ASN B 68 -7.69 1.80 12.42
C ASN B 68 -6.39 2.28 12.96
N SER B 69 -6.49 2.78 14.18
CA SER B 69 -5.34 3.11 14.99
C SER B 69 -5.79 2.88 16.43
N MET B 70 -5.87 1.60 16.78
CA MET B 70 -6.40 1.19 18.07
C MET B 70 -5.42 1.49 19.21
N GLY B 71 -4.12 1.39 18.93
CA GLY B 71 -3.09 1.59 19.94
C GLY B 71 -2.90 0.45 20.91
N LEU B 72 -3.25 -0.77 20.48
CA LEU B 72 -2.95 -2.02 21.19
C LEU B 72 -3.61 -2.11 22.59
N PRO B 73 -4.91 -1.76 22.66
CA PRO B 73 -5.68 -2.05 23.83
C PRO B 73 -5.73 -3.54 24.02
N ASN B 74 -5.63 -4.02 25.25
CA ASN B 74 -5.71 -5.44 25.52
C ASN B 74 -5.65 -5.62 27.00
N LEU B 75 -6.09 -6.78 27.47
CA LEU B 75 -6.20 -7.04 28.90
C LEU B 75 -4.90 -7.47 29.63
N GLY B 76 -3.80 -7.49 28.90
CA GLY B 76 -2.52 -7.94 29.43
C GLY B 76 -2.29 -9.43 29.22
N PHE B 77 -1.04 -9.76 29.03
CA PHE B 77 -0.59 -11.12 28.73
C PHE B 77 -1.02 -12.15 29.78
N ASP B 78 -1.05 -11.75 31.06
CA ASP B 78 -1.58 -12.62 32.13
C ASP B 78 -3.02 -13.05 31.85
N PHE B 79 -3.82 -12.19 31.20
CA PHE B 79 -5.17 -12.64 30.84
C PHE B 79 -5.19 -13.69 29.71
N TYR B 80 -4.46 -13.42 28.62
CA TYR B 80 -4.46 -14.32 27.50
C TYR B 80 -3.73 -15.62 27.85
N LEU B 81 -2.68 -15.52 28.66
CA LEU B 81 -1.99 -16.73 29.09
C LEU B 81 -2.96 -17.61 29.89
N LYS B 82 -3.70 -17.01 30.82
CA LYS B 82 -4.68 -17.76 31.58
C LYS B 82 -5.79 -18.32 30.68
N TYR B 83 -6.24 -17.55 29.69
CA TYR B 83 -7.18 -18.13 28.72
C TYR B 83 -6.59 -19.34 28.02
N ALA B 84 -5.38 -19.17 27.48
CA ALA B 84 -4.63 -20.27 26.92
C ALA B 84 -4.48 -21.49 27.87
N SER B 85 -4.26 -21.21 29.16
CA SER B 85 -3.96 -22.24 30.12
C SER B 85 -5.17 -22.96 30.69
N ASP B 86 -6.21 -22.23 31.11
CA ASP B 86 -7.34 -22.84 31.87
C ASP B 86 -8.74 -22.72 31.24
N LEU B 87 -8.93 -21.87 30.24
CA LEU B 87 -10.27 -21.57 29.74
C LEU B 87 -10.56 -22.17 28.38
N HIS B 88 -9.56 -22.23 27.50
CA HIS B 88 -9.80 -22.68 26.15
C HIS B 88 -9.98 -24.16 25.96
N ASP B 89 -11.03 -24.46 25.21
CA ASP B 89 -11.42 -25.79 24.94
C ASP B 89 -10.71 -26.20 23.66
N TYR B 90 -9.55 -26.83 23.83
CA TYR B 90 -8.75 -27.29 22.70
C TYR B 90 -9.43 -28.37 21.82
N SER B 91 -10.50 -28.99 22.33
CA SER B 91 -11.21 -30.02 21.59
C SER B 91 -12.07 -29.41 20.51
N LYS B 92 -12.41 -28.14 20.67
CA LYS B 92 -13.10 -27.31 19.64
C LYS B 92 -12.20 -26.83 18.47
N LYS B 93 -11.07 -26.19 18.77
CA LYS B 93 -10.15 -25.80 17.75
C LYS B 93 -8.82 -25.33 18.35
N PRO B 94 -7.77 -25.30 17.54
CA PRO B 94 -6.54 -24.76 18.02
C PRO B 94 -6.66 -23.28 18.33
N LEU B 95 -5.74 -22.84 19.20
CA LEU B 95 -5.65 -21.47 19.59
C LEU B 95 -4.24 -20.95 19.35
N PHE B 96 -4.16 -19.78 18.73
CA PHE B 96 -2.95 -19.06 18.49
C PHE B 96 -2.95 -17.85 19.40
N LEU B 97 -1.79 -17.53 19.93
CA LEU B 97 -1.69 -16.41 20.81
C LEU B 97 -0.72 -15.42 20.17
N SER B 98 -1.16 -14.18 20.06
CA SER B 98 -0.39 -13.06 19.55
C SER B 98 0.24 -12.19 20.65
N ILE B 99 1.55 -12.03 20.60
CA ILE B 99 2.23 -11.11 21.47
C ILE B 99 2.87 -10.02 20.66
N SER B 100 2.64 -8.81 21.09
CA SER B 100 3.22 -7.64 20.47
C SER B 100 3.76 -6.63 21.49
N GLY B 101 4.70 -7.08 22.28
CA GLY B 101 5.33 -6.28 23.28
C GLY B 101 6.15 -5.23 22.62
N LEU B 102 6.43 -4.16 23.33
CA LEU B 102 7.03 -3.01 22.75
C LEU B 102 8.56 -2.98 22.80
N SER B 103 9.16 -4.02 23.29
CA SER B 103 10.57 -4.17 23.21
C SER B 103 10.88 -5.60 23.05
N VAL B 104 12.07 -5.91 22.56
CA VAL B 104 12.52 -7.30 22.56
C VAL B 104 12.49 -7.92 23.98
N GLU B 105 12.94 -7.16 24.97
CA GLU B 105 12.92 -7.63 26.38
C GLU B 105 11.49 -7.93 26.86
N GLU B 106 10.55 -7.07 26.49
CA GLU B 106 9.15 -7.32 26.81
C GLU B 106 8.74 -8.66 26.17
N ASN B 107 9.04 -8.85 24.88
CA ASN B 107 8.64 -10.09 24.20
C ASN B 107 9.37 -11.31 24.75
N VAL B 108 10.66 -11.17 25.06
CA VAL B 108 11.42 -12.28 25.67
C VAL B 108 10.78 -12.72 26.99
N ALA B 109 10.47 -11.77 27.86
CA ALA B 109 9.75 -12.11 29.12
C ALA B 109 8.40 -12.84 28.90
N MET B 110 7.61 -12.37 27.95
CA MET B 110 6.36 -13.07 27.62
C MET B 110 6.54 -14.50 27.07
N VAL B 111 7.44 -14.68 26.10
CA VAL B 111 7.56 -15.99 25.47
C VAL B 111 8.07 -17.04 26.45
N ARG B 112 9.00 -16.66 27.33
CA ARG B 112 9.55 -17.62 28.36
C ARG B 112 8.42 -18.22 29.15
N ARG B 113 7.47 -17.41 29.53
CA ARG B 113 6.30 -17.91 30.27
C ARG B 113 5.27 -18.60 29.40
N LEU B 114 5.25 -18.28 28.10
CA LEU B 114 4.33 -18.96 27.22
C LEU B 114 4.84 -20.39 26.88
N ALA B 115 6.16 -20.54 26.75
CA ALA B 115 6.74 -21.82 26.34
C ALA B 115 6.11 -23.04 27.04
N PRO B 116 6.04 -23.05 28.39
CA PRO B 116 5.48 -24.25 29.02
C PRO B 116 4.04 -24.55 28.65
N VAL B 117 3.22 -23.51 28.48
CA VAL B 117 1.83 -23.72 28.15
C VAL B 117 1.75 -24.25 26.72
N ALA B 118 2.62 -23.77 25.86
CA ALA B 118 2.72 -24.34 24.50
C ALA B 118 3.00 -25.84 24.58
N GLN B 119 3.99 -26.22 25.39
CA GLN B 119 4.33 -27.62 25.61
C GLN B 119 3.11 -28.36 26.08
N GLU B 120 2.58 -27.92 27.20
CA GLU B 120 1.51 -28.64 27.89
C GLU B 120 0.20 -28.68 27.07
N LYS B 121 -0.22 -27.52 26.56
CA LYS B 121 -1.52 -27.36 25.95
C LYS B 121 -1.57 -27.23 24.46
N GLY B 122 -0.45 -26.94 23.82
CA GLY B 122 -0.45 -26.78 22.39
C GLY B 122 -0.80 -25.45 21.79
N VAL B 123 -1.00 -24.43 22.60
CA VAL B 123 -1.22 -23.12 22.10
C VAL B 123 -0.05 -22.71 21.20
N LEU B 124 -0.30 -21.94 20.19
CA LEU B 124 0.71 -21.55 19.24
C LEU B 124 0.97 -20.09 19.30
N LEU B 125 2.20 -19.71 19.07
CA LEU B 125 2.63 -18.34 19.14
C LEU B 125 2.77 -17.66 17.78
N GLU B 126 2.12 -16.50 17.65
CA GLU B 126 2.30 -15.57 16.54
C GLU B 126 2.96 -14.31 17.09
N LEU B 127 4.14 -14.04 16.60
CA LEU B 127 4.87 -12.87 17.02
C LEU B 127 4.58 -11.72 16.08
N ASN B 128 4.05 -10.62 16.62
CA ASN B 128 3.68 -9.49 15.81
C ASN B 128 4.85 -8.55 15.59
N LEU B 129 5.41 -8.57 14.38
CA LEU B 129 6.56 -7.78 14.00
C LEU B 129 6.21 -6.46 13.41
N SER B 130 4.96 -6.10 13.48
CA SER B 130 4.38 -5.03 12.69
C SER B 130 3.89 -3.79 13.37
N CYS B 131 4.38 -3.38 14.55
CA CYS B 131 4.58 -4.05 15.84
C CYS B 131 4.16 -3.13 16.98
N PRO B 132 4.92 -1.95 17.16
CA PRO B 132 4.20 -0.70 17.36
C PRO B 132 4.52 0.30 16.22
N ASN B 133 5.28 1.35 16.51
CA ASN B 133 6.02 2.12 15.52
C ASN B 133 7.19 2.88 16.14
N VAL B 134 8.41 2.37 16.07
CA VAL B 134 9.43 2.88 16.97
C VAL B 134 9.68 4.37 16.79
N PRO B 135 9.96 5.11 17.96
CA PRO B 135 9.81 6.57 17.78
C PRO B 135 10.70 7.37 16.82
N GLY B 136 12.01 7.16 16.79
CA GLY B 136 12.84 7.84 15.80
C GLY B 136 13.16 6.93 14.61
N LYS B 137 12.75 5.67 14.70
CA LYS B 137 13.21 4.62 13.80
C LYS B 137 12.06 3.71 13.40
N PRO B 138 12.20 3.04 12.17
CA PRO B 138 10.95 2.43 11.69
C PRO B 138 10.49 1.17 12.38
N GLN B 139 9.28 0.72 12.05
CA GLN B 139 8.75 -0.45 12.71
C GLN B 139 9.71 -1.61 12.45
N VAL B 140 9.66 -2.62 13.31
CA VAL B 140 10.70 -3.66 13.38
C VAL B 140 10.93 -4.31 12.02
N ALA B 141 9.83 -4.61 11.36
CA ALA B 141 9.82 -5.37 10.13
C ALA B 141 10.36 -4.60 8.95
N TYR B 142 10.43 -3.27 9.06
CA TYR B 142 11.06 -2.41 8.06
C TYR B 142 12.46 -1.99 8.46
N ASP B 143 13.07 -2.74 9.36
CA ASP B 143 14.43 -2.48 9.82
C ASP B 143 15.05 -3.82 10.14
N PHE B 144 15.79 -4.36 9.17
CA PHE B 144 16.03 -5.77 9.17
C PHE B 144 17.06 -6.23 10.17
N GLU B 145 17.94 -5.33 10.64
CA GLU B 145 18.86 -5.68 11.73
C GLU B 145 18.07 -5.85 13.06
N ALA B 146 17.14 -4.94 13.30
CA ALA B 146 16.20 -5.09 14.40
C ALA B 146 15.38 -6.37 14.34
N MET B 147 14.92 -6.73 13.14
CA MET B 147 14.05 -7.90 12.96
C MET B 147 14.85 -9.13 13.31
N ARG B 148 16.09 -9.15 12.85
CA ARG B 148 17.01 -10.29 13.11
C ARG B 148 17.33 -10.44 14.60
N THR B 149 17.42 -9.33 15.31
CA THR B 149 17.61 -9.35 16.77
C THR B 149 16.40 -9.95 17.45
N TYR B 150 15.21 -9.43 17.16
CA TYR B 150 14.02 -9.93 17.85
C TYR B 150 13.88 -11.44 17.65
N LEU B 151 14.20 -11.90 16.46
CA LEU B 151 13.97 -13.28 16.10
C LEU B 151 15.01 -14.17 16.77
N GLN B 152 16.22 -13.64 16.91
CA GLN B 152 17.29 -14.31 17.63
C GLN B 152 16.91 -14.48 19.09
N GLN B 153 16.66 -13.36 19.75
CA GLN B 153 16.32 -13.34 21.18
C GLN B 153 15.11 -14.21 21.50
N VAL B 154 14.08 -14.11 20.66
CA VAL B 154 12.85 -14.88 20.86
C VAL B 154 13.07 -16.37 20.63
N SER B 155 13.73 -16.77 19.56
CA SER B 155 13.93 -18.23 19.35
C SER B 155 14.73 -18.82 20.52
N LEU B 156 15.72 -18.09 21.01
CA LEU B 156 16.48 -18.51 22.21
C LEU B 156 15.52 -18.67 23.41
N ALA B 157 14.71 -17.66 23.65
CA ALA B 157 13.86 -17.63 24.82
C ALA B 157 12.69 -18.63 24.77
N TYR B 158 12.16 -18.89 23.58
CA TYR B 158 10.96 -19.75 23.45
C TYR B 158 11.35 -21.19 23.12
N GLY B 159 12.28 -21.36 22.18
CA GLY B 159 12.74 -22.69 21.76
C GLY B 159 11.70 -23.69 21.24
N LEU B 160 10.54 -23.21 20.78
CA LEU B 160 9.56 -24.07 20.07
C LEU B 160 9.20 -23.46 18.73
N PRO B 161 8.59 -24.27 17.85
CA PRO B 161 8.04 -23.70 16.61
C PRO B 161 7.16 -22.48 16.89
N PHE B 162 7.38 -21.38 16.18
CA PHE B 162 6.41 -20.30 16.20
C PHE B 162 6.27 -19.63 14.83
N GLY B 163 5.48 -18.56 14.80
CA GLY B 163 5.26 -17.75 13.62
C GLY B 163 5.33 -16.25 13.82
N VAL B 164 5.34 -15.53 12.71
CA VAL B 164 5.50 -14.09 12.74
C VAL B 164 4.48 -13.47 11.81
N LYS B 165 4.04 -12.27 12.17
CA LYS B 165 3.02 -11.53 11.46
C LYS B 165 3.78 -10.41 10.85
N MET B 166 3.71 -10.29 9.51
CA MET B 166 4.45 -9.28 8.77
C MET B 166 3.61 -8.10 8.23
N PRO B 167 4.19 -6.89 8.25
CA PRO B 167 3.53 -5.87 7.50
C PRO B 167 3.84 -6.09 6.02
N PRO B 168 3.07 -5.45 5.15
CA PRO B 168 3.31 -5.68 3.71
C PRO B 168 4.61 -5.01 3.29
N TYR B 169 5.27 -5.56 2.27
CA TYR B 169 6.37 -4.84 1.63
C TYR B 169 5.96 -4.49 0.21
N PHE B 170 6.72 -3.60 -0.42
CA PHE B 170 6.31 -3.03 -1.69
C PHE B 170 7.43 -2.99 -2.71
N ASP B 171 8.51 -3.71 -2.44
CA ASP B 171 9.70 -3.67 -3.23
C ASP B 171 10.36 -5.07 -3.22
N ILE B 172 10.80 -5.51 -4.40
CA ILE B 172 11.36 -6.85 -4.60
C ILE B 172 12.59 -7.06 -3.73
N ALA B 173 13.47 -6.07 -3.66
CA ALA B 173 14.63 -6.16 -2.79
C ALA B 173 14.30 -6.37 -1.30
N HIS B 174 13.16 -5.85 -0.84
CA HIS B 174 12.72 -6.07 0.54
C HIS B 174 12.15 -7.43 0.74
N PHE B 175 11.39 -7.92 -0.23
CA PHE B 175 11.00 -9.33 -0.14
C PHE B 175 12.23 -10.22 -0.01
N ASP B 176 13.21 -10.02 -0.88
CA ASP B 176 14.42 -10.85 -0.89
C ASP B 176 15.11 -10.71 0.45
N THR B 177 15.28 -9.48 0.92
CA THR B 177 15.97 -9.25 2.19
C THR B 177 15.17 -9.81 3.39
N ALA B 178 13.88 -9.50 3.47
CA ALA B 178 13.05 -9.94 4.57
C ALA B 178 13.02 -11.45 4.65
N ALA B 179 12.80 -12.07 3.50
CA ALA B 179 12.66 -13.50 3.42
C ALA B 179 13.96 -14.21 3.80
N ALA B 180 15.09 -13.60 3.47
CA ALA B 180 16.42 -14.16 3.82
C ALA B 180 16.63 -14.09 5.31
N VAL B 181 16.29 -12.98 5.92
CA VAL B 181 16.26 -12.94 7.38
C VAL B 181 15.43 -14.10 7.95
N LEU B 182 14.19 -14.29 7.47
CA LEU B 182 13.30 -15.29 8.06
C LEU B 182 13.79 -16.72 7.93
N ASN B 183 14.46 -16.98 6.83
CA ASN B 183 15.02 -18.30 6.57
C ASN B 183 16.27 -18.52 7.44
N GLU B 184 16.81 -17.46 8.06
CA GLU B 184 17.88 -17.66 9.04
C GLU B 184 17.42 -18.45 10.27
N PHE B 185 16.10 -18.56 10.46
CA PHE B 185 15.55 -19.11 11.68
C PHE B 185 14.67 -20.32 11.45
N PRO B 186 15.17 -21.52 11.81
CA PRO B 186 14.39 -22.74 11.65
C PRO B 186 13.13 -22.88 12.52
N LEU B 187 13.08 -22.24 13.69
CA LEU B 187 11.87 -22.29 14.54
C LEU B 187 10.66 -21.47 13.99
N VAL B 188 10.89 -20.51 13.09
CA VAL B 188 9.80 -19.74 12.49
C VAL B 188 9.13 -20.62 11.42
N LYS B 189 8.06 -21.32 11.78
CA LYS B 189 7.48 -22.30 10.88
C LYS B 189 6.43 -21.69 9.99
N PHE B 190 5.94 -20.51 10.36
CA PHE B 190 4.92 -19.83 9.55
C PHE B 190 5.04 -18.31 9.59
N VAL B 191 4.66 -17.73 8.45
CA VAL B 191 4.69 -16.31 8.18
C VAL B 191 3.26 -15.91 7.80
N THR B 192 2.71 -14.95 8.53
CA THR B 192 1.42 -14.39 8.22
C THR B 192 1.59 -13.06 7.47
N CYS B 193 1.15 -13.06 6.20
CA CYS B 193 1.18 -11.88 5.38
C CYS B 193 -0.27 -11.52 5.08
N VAL B 194 -0.77 -10.34 5.39
CA VAL B 194 -0.04 -9.20 5.90
C VAL B 194 -0.84 -8.51 7.01
N ASN B 195 -0.13 -7.70 7.79
CA ASN B 195 -0.77 -6.76 8.68
C ASN B 195 -1.36 -5.56 7.89
N SER B 196 -2.07 -4.67 8.54
CA SER B 196 -2.66 -3.53 7.83
C SER B 196 -1.64 -2.73 7.00
N VAL B 197 -2.10 -2.14 5.90
CA VAL B 197 -1.24 -1.29 5.08
C VAL B 197 -1.13 0.04 5.87
N GLY B 198 0.09 0.33 6.32
CA GLY B 198 0.38 1.36 7.31
C GLY B 198 0.11 2.79 6.88
N ASN B 199 -0.42 3.57 7.81
CA ASN B 199 -0.64 5.01 7.70
C ASN B 199 -1.40 5.55 6.47
N GLY B 200 -2.55 4.97 6.17
CA GLY B 200 -3.47 5.61 5.25
C GLY B 200 -4.19 6.72 5.98
N LEU B 201 -4.97 7.47 5.21
CA LEU B 201 -5.76 8.59 5.70
C LEU B 201 -7.10 8.59 4.95
N VAL B 202 -8.20 8.48 5.69
CA VAL B 202 -9.53 8.52 5.10
C VAL B 202 -10.08 9.84 5.56
N ILE B 203 -10.62 10.60 4.63
CA ILE B 203 -11.17 11.90 4.91
C ILE B 203 -12.63 11.84 4.46
N ASP B 204 -13.52 12.40 5.26
CA ASP B 204 -14.93 12.45 4.88
C ASP B 204 -15.22 13.81 4.25
N ALA B 205 -15.80 13.76 3.05
CA ALA B 205 -16.02 14.91 2.25
C ALA B 205 -17.11 15.83 2.84
N GLU B 206 -18.17 15.27 3.43
CA GLU B 206 -19.25 16.15 3.97
C GLU B 206 -18.76 17.07 5.12
N SER B 207 -18.21 16.49 6.18
CA SER B 207 -17.67 17.25 7.29
C SER B 207 -16.22 17.74 7.08
N GLU B 208 -15.61 17.39 5.95
CA GLU B 208 -14.21 17.77 5.68
C GLU B 208 -13.28 17.46 6.84
N SER B 209 -13.42 16.27 7.41
CA SER B 209 -12.66 15.87 8.56
C SER B 209 -12.08 14.46 8.36
N VAL B 210 -10.94 14.19 9.00
CA VAL B 210 -10.47 12.82 9.14
C VAL B 210 -11.52 12.08 9.97
N VAL B 211 -11.48 10.77 9.95
CA VAL B 211 -12.55 9.98 10.57
C VAL B 211 -12.11 9.25 11.83
N ILE B 212 -10.80 9.21 12.11
CA ILE B 212 -10.34 8.66 13.37
C ILE B 212 -9.54 9.71 14.11
N LYS B 213 -9.55 9.62 15.44
CA LYS B 213 -9.01 10.66 16.31
C LYS B 213 -7.47 10.70 16.52
N PRO B 214 -6.85 9.56 16.85
CA PRO B 214 -5.38 9.46 16.94
C PRO B 214 -4.57 9.85 15.67
N LYS B 215 -3.35 10.32 15.89
CA LYS B 215 -2.35 10.52 14.82
C LYS B 215 -2.86 11.35 13.64
N GLN B 216 -3.69 12.35 13.95
CA GLN B 216 -4.22 13.28 12.99
C GLN B 216 -4.97 12.57 11.83
N GLY B 217 -5.59 11.42 12.15
CA GLY B 217 -6.39 10.65 11.20
C GLY B 217 -5.67 9.54 10.48
N PHE B 218 -4.37 9.40 10.73
CA PHE B 218 -3.56 8.42 9.98
C PHE B 218 -3.69 7.02 10.59
N GLY B 219 -3.87 5.99 9.79
CA GLY B 219 -4.09 4.67 10.38
C GLY B 219 -3.83 3.53 9.46
N GLY B 220 -3.89 2.31 9.98
CA GLY B 220 -3.74 1.10 9.17
C GLY B 220 -5.00 0.73 8.36
N LEU B 221 -4.75 0.45 7.08
CA LEU B 221 -5.78 0.06 6.08
C LEU B 221 -6.00 -1.46 5.98
N GLY B 222 -7.27 -1.85 6.11
CA GLY B 222 -7.71 -3.21 5.92
C GLY B 222 -8.74 -3.29 4.83
N GLY B 223 -9.09 -4.51 4.42
CA GLY B 223 -10.29 -4.72 3.63
C GLY B 223 -10.00 -4.69 2.15
N LYS B 224 -10.98 -4.27 1.35
CA LYS B 224 -10.88 -4.43 -0.13
C LYS B 224 -9.73 -3.58 -0.71
N TYR B 225 -9.27 -2.58 0.03
CA TYR B 225 -8.16 -1.79 -0.45
C TYR B 225 -6.85 -2.59 -0.67
N ILE B 226 -6.64 -3.66 0.12
CA ILE B 226 -5.32 -4.26 0.21
C ILE B 226 -5.16 -5.67 -0.34
N LEU B 227 -6.21 -6.19 -0.90
CA LEU B 227 -6.16 -7.55 -1.37
C LEU B 227 -5.02 -7.78 -2.37
N PRO B 228 -4.87 -6.94 -3.38
CA PRO B 228 -3.79 -7.26 -4.34
C PRO B 228 -2.39 -7.23 -3.71
N THR B 229 -2.22 -6.35 -2.71
CA THR B 229 -1.07 -6.25 -1.85
C THR B 229 -0.92 -7.48 -0.96
N ALA B 230 -2.01 -7.95 -0.40
CA ALA B 230 -1.87 -9.12 0.49
C ALA B 230 -1.47 -10.36 -0.36
N LEU B 231 -1.98 -10.42 -1.59
CA LEU B 231 -1.71 -11.58 -2.47
C LEU B 231 -0.28 -11.58 -3.00
N ALA B 232 0.23 -10.43 -3.34
CA ALA B 232 1.66 -10.34 -3.69
C ALA B 232 2.57 -10.80 -2.54
N ASN B 233 2.24 -10.39 -1.30
CA ASN B 233 3.06 -10.77 -0.14
C ASN B 233 2.99 -12.23 0.18
N VAL B 234 1.78 -12.81 0.15
CA VAL B 234 1.62 -14.22 0.35
C VAL B 234 2.49 -14.96 -0.69
N ASN B 235 2.25 -14.67 -1.95
CA ASN B 235 2.98 -15.37 -2.98
C ASN B 235 4.46 -15.08 -3.01
N ALA B 236 4.90 -13.88 -2.65
CA ALA B 236 6.33 -13.59 -2.58
C ALA B 236 7.04 -14.42 -1.51
N PHE B 237 6.37 -14.65 -0.35
CA PHE B 237 6.98 -15.40 0.73
C PHE B 237 6.81 -16.90 0.46
N TYR B 238 5.70 -17.27 -0.14
CA TYR B 238 5.47 -18.65 -0.54
C TYR B 238 6.64 -19.12 -1.35
N ARG B 239 7.00 -18.33 -2.33
CA ARG B 239 8.10 -18.64 -3.24
C ARG B 239 9.53 -18.59 -2.58
N ARG B 240 9.75 -17.63 -1.68
CA ARG B 240 11.04 -17.47 -0.99
C ARG B 240 11.16 -18.31 0.30
N CYS B 241 10.10 -18.94 0.76
CA CYS B 241 10.21 -19.70 2.02
C CYS B 241 9.62 -21.08 1.90
N PRO B 242 10.30 -21.96 1.16
CA PRO B 242 9.77 -23.28 0.84
C PRO B 242 9.66 -24.25 2.01
N ASP B 243 10.38 -24.01 3.09
CA ASP B 243 10.32 -24.85 4.30
C ASP B 243 9.45 -24.24 5.42
N LYS B 244 8.59 -23.29 5.04
CA LYS B 244 7.66 -22.63 5.96
C LYS B 244 6.23 -22.62 5.38
N LEU B 245 5.24 -22.52 6.26
CA LEU B 245 3.88 -22.23 5.82
C LEU B 245 3.67 -20.70 5.68
N VAL B 246 2.83 -20.30 4.72
CA VAL B 246 2.37 -18.91 4.61
C VAL B 246 0.88 -18.91 4.93
N PHE B 247 0.50 -18.06 5.88
CA PHE B 247 -0.86 -17.71 6.23
C PHE B 247 -1.17 -16.41 5.58
N GLY B 248 -2.28 -16.34 4.88
CA GLY B 248 -2.60 -15.13 4.15
C GLY B 248 -3.59 -14.39 4.96
N CYS B 249 -3.50 -13.06 4.89
CA CYS B 249 -4.43 -12.21 5.59
C CYS B 249 -4.56 -10.98 4.79
N GLY B 250 -5.78 -10.46 4.67
CA GLY B 250 -5.92 -9.20 3.99
C GLY B 250 -6.96 -9.27 2.90
N GLY B 251 -8.13 -8.67 3.19
CA GLY B 251 -9.09 -8.33 2.17
C GLY B 251 -10.00 -9.50 1.84
N VAL B 252 -10.15 -10.44 2.76
CA VAL B 252 -11.01 -11.59 2.44
C VAL B 252 -12.46 -11.26 2.78
N TYR B 253 -13.27 -11.04 1.75
CA TYR B 253 -14.74 -10.90 1.94
C TYR B 253 -15.56 -12.08 1.44
N SER B 254 -14.94 -12.94 0.63
CA SER B 254 -15.66 -14.05 0.03
C SER B 254 -14.81 -15.29 -0.03
N GLY B 255 -15.46 -16.37 -0.48
CA GLY B 255 -14.79 -17.65 -0.71
C GLY B 255 -13.83 -17.53 -1.89
N GLU B 256 -14.15 -16.62 -2.78
CA GLU B 256 -13.32 -16.31 -3.90
C GLU B 256 -12.04 -15.69 -3.39
N ASP B 257 -12.15 -14.66 -2.58
CA ASP B 257 -10.92 -13.98 -2.08
C ASP B 257 -10.04 -15.04 -1.40
N ALA B 258 -10.68 -15.90 -0.63
CA ALA B 258 -9.98 -16.97 0.07
C ALA B 258 -9.29 -17.91 -0.93
N PHE B 259 -10.03 -18.31 -1.97
CA PHE B 259 -9.51 -19.14 -3.03
C PHE B 259 -8.27 -18.52 -3.68
N LEU B 260 -8.26 -17.20 -3.90
CA LEU B 260 -7.10 -16.53 -4.45
C LEU B 260 -5.89 -16.53 -3.51
N HIS B 261 -6.13 -16.35 -2.22
CA HIS B 261 -5.06 -16.40 -1.27
C HIS B 261 -4.42 -17.80 -1.35
N ILE B 262 -5.27 -18.82 -1.41
CA ILE B 262 -4.70 -20.13 -1.29
C ILE B 262 -3.87 -20.36 -2.52
N LEU B 263 -4.37 -19.95 -3.70
CA LEU B 263 -3.64 -20.17 -4.94
C LEU B 263 -2.32 -19.43 -4.89
N ALA B 264 -2.28 -18.33 -4.13
CA ALA B 264 -1.05 -17.56 -3.97
C ALA B 264 -0.11 -18.27 -3.02
N GLY B 265 -0.65 -19.14 -2.17
CA GLY B 265 0.16 -20.07 -1.39
C GLY B 265 -0.26 -20.21 0.06
N ALA B 266 -1.38 -19.63 0.43
CA ALA B 266 -1.79 -19.57 1.82
C ALA B 266 -2.25 -20.93 2.30
N SER B 267 -1.86 -21.31 3.52
CA SER B 267 -2.32 -22.54 4.14
C SER B 267 -3.52 -22.22 5.03
N MET B 268 -3.46 -21.09 5.72
CA MET B 268 -4.59 -20.58 6.49
C MET B 268 -4.91 -19.20 5.95
N VAL B 269 -6.16 -18.82 6.14
CA VAL B 269 -6.68 -17.62 5.60
C VAL B 269 -7.36 -16.91 6.73
N GLN B 270 -6.98 -15.66 6.96
CA GLN B 270 -7.45 -14.91 8.12
C GLN B 270 -8.39 -13.82 7.70
N VAL B 271 -9.40 -13.53 8.56
CA VAL B 271 -10.41 -12.59 8.25
C VAL B 271 -10.42 -11.50 9.32
N GLY B 272 -10.22 -10.26 8.84
CA GLY B 272 -10.12 -9.09 9.65
C GLY B 272 -11.31 -8.20 9.46
N THR B 273 -11.19 -7.19 8.61
CA THR B 273 -12.26 -6.19 8.44
C THR B 273 -13.65 -6.84 8.19
N ALA B 274 -13.71 -7.93 7.43
CA ALA B 274 -15.04 -8.42 6.97
C ALA B 274 -15.78 -9.04 8.12
N LEU B 275 -15.01 -9.64 9.01
CA LEU B 275 -15.49 -10.24 10.24
C LEU B 275 -15.94 -9.16 11.23
N GLN B 276 -15.17 -8.10 11.31
CA GLN B 276 -15.59 -6.95 12.12
C GLN B 276 -16.94 -6.42 11.66
N GLU B 277 -17.13 -6.39 10.34
CA GLU B 277 -18.34 -5.84 9.75
C GLU B 277 -19.51 -6.82 9.74
N GLU B 278 -19.26 -8.07 9.39
CA GLU B 278 -20.31 -9.04 9.28
C GLU B 278 -20.56 -9.83 10.57
N GLY B 279 -19.56 -10.01 11.42
CA GLY B 279 -19.71 -10.93 12.55
C GLY B 279 -19.31 -12.39 12.26
N PRO B 280 -19.24 -13.23 13.30
CA PRO B 280 -18.74 -14.60 13.12
C PRO B 280 -19.48 -15.51 12.11
N GLY B 281 -20.72 -15.20 11.77
CA GLY B 281 -21.43 -15.95 10.74
C GLY B 281 -20.69 -16.07 9.41
N ILE B 282 -19.82 -15.13 9.15
CA ILE B 282 -19.04 -15.11 7.92
C ILE B 282 -18.27 -16.42 7.67
N PHE B 283 -17.95 -17.15 8.72
CA PHE B 283 -17.20 -18.41 8.53
C PHE B 283 -18.02 -19.46 7.81
N THR B 284 -19.29 -19.60 8.16
CA THR B 284 -20.15 -20.52 7.43
C THR B 284 -20.36 -20.14 5.94
N ARG B 285 -20.52 -18.86 5.64
CA ARG B 285 -20.55 -18.41 4.23
C ARG B 285 -19.24 -18.62 3.46
N LEU B 286 -18.11 -18.28 4.06
CA LEU B 286 -16.84 -18.41 3.34
C LEU B 286 -16.52 -19.87 3.02
N GLU B 287 -16.77 -20.75 3.98
CA GLU B 287 -16.67 -22.22 3.79
C GLU B 287 -17.47 -22.67 2.59
N ASP B 288 -18.75 -22.31 2.61
CA ASP B 288 -19.70 -22.74 1.62
C ASP B 288 -19.23 -22.28 0.27
N GLU B 289 -18.82 -21.00 0.19
CA GLU B 289 -18.46 -20.40 -1.08
C GLU B 289 -17.19 -21.02 -1.60
N LEU B 290 -16.22 -21.21 -0.74
CA LEU B 290 -15.01 -21.90 -1.13
C LEU B 290 -15.31 -23.35 -1.58
N LEU B 291 -16.20 -24.06 -0.89
CA LEU B 291 -16.53 -25.44 -1.30
C LEU B 291 -17.21 -25.44 -2.67
N GLU B 292 -18.00 -24.41 -2.95
CA GLU B 292 -18.65 -24.27 -4.25
C GLU B 292 -17.66 -24.08 -5.42
N ILE B 293 -16.64 -23.24 -5.23
CA ILE B 293 -15.62 -22.97 -6.26
C ILE B 293 -14.77 -24.24 -6.55
N MET B 294 -14.24 -24.87 -5.50
CA MET B 294 -13.67 -26.22 -5.62
C MET B 294 -14.55 -27.22 -6.39
N ALA B 295 -15.84 -27.28 -6.08
CA ALA B 295 -16.74 -28.23 -6.71
C ALA B 295 -16.85 -27.97 -8.24
N ARG B 296 -16.99 -26.71 -8.62
CA ARG B 296 -17.11 -26.33 -10.03
C ARG B 296 -15.82 -26.64 -10.81
N LYS B 297 -14.68 -26.62 -10.13
CA LYS B 297 -13.38 -26.80 -10.77
C LYS B 297 -12.91 -28.23 -10.75
N GLY B 298 -13.50 -29.08 -9.93
CA GLY B 298 -13.01 -30.45 -9.79
C GLY B 298 -11.87 -30.61 -8.78
N TYR B 299 -11.82 -29.71 -7.79
CA TYR B 299 -10.78 -29.82 -6.76
C TYR B 299 -11.37 -30.50 -5.56
N ARG B 300 -10.71 -31.55 -5.07
CA ARG B 300 -11.14 -32.24 -3.86
C ARG B 300 -10.33 -31.78 -2.64
N THR B 301 -9.15 -31.20 -2.85
CA THR B 301 -8.29 -30.81 -1.73
C THR B 301 -7.74 -29.39 -1.95
N LEU B 302 -7.39 -28.73 -0.85
CA LEU B 302 -6.71 -27.44 -0.91
C LEU B 302 -5.29 -27.65 -1.45
N GLU B 303 -4.68 -28.78 -1.12
CA GLU B 303 -3.36 -29.17 -1.62
C GLU B 303 -3.33 -29.19 -3.13
N GLU B 304 -4.42 -29.57 -3.77
CA GLU B 304 -4.45 -29.57 -5.24
C GLU B 304 -4.14 -28.19 -5.87
N PHE B 305 -4.61 -27.09 -5.27
CA PHE B 305 -4.33 -25.77 -5.88
C PHE B 305 -3.48 -24.80 -5.02
N ARG B 306 -3.03 -25.22 -3.84
CA ARG B 306 -2.30 -24.29 -3.03
C ARG B 306 -1.00 -23.94 -3.74
N GLY B 307 -0.80 -22.64 -3.95
CA GLY B 307 0.41 -22.14 -4.57
C GLY B 307 0.51 -22.35 -6.06
N ARG B 308 -0.57 -22.80 -6.69
CA ARG B 308 -0.49 -23.22 -8.09
C ARG B 308 -0.95 -22.12 -9.03
N VAL B 309 -0.95 -20.87 -8.57
CA VAL B 309 -1.24 -19.74 -9.42
C VAL B 309 -0.39 -19.78 -10.72
N LYS B 310 -1.03 -19.53 -11.85
CA LYS B 310 -0.33 -19.59 -13.14
C LYS B 310 0.24 -18.20 -13.56
N THR B 311 1.44 -18.23 -14.14
CA THR B 311 2.05 -17.03 -14.72
C THR B 311 1.96 -17.11 -16.25
N ILE B 312 2.17 -16.02 -16.98
CA ILE B 312 2.03 -16.06 -18.45
C ILE B 312 3.36 -16.31 -19.14
N GLU B 313 3.37 -17.28 -20.06
CA GLU B 313 4.57 -17.70 -20.83
C GLU B 313 5.71 -18.21 -19.95
#